data_1DM4
#
_entry.id   1DM4
#
_cell.length_a   135.100
_cell.length_b   135.100
_cell.length_c   135.100
_cell.angle_alpha   90.00
_cell.angle_beta   90.00
_cell.angle_gamma   90.00
#
_symmetry.space_group_name_H-M   'I 21 3'
#
loop_
_entity.id
_entity.type
_entity.pdbx_description
1 polymer 'PROTEIN (ALPHA THROMBIN:LIGHT CHAIN)'
2 polymer 'PROTEIN (MUTANT ALPHA THROMBIN:HEAVY CHAIN)'
3 polymer 'PROTEIN (FIBRINOPEPTIDE)'
4 water water
#
loop_
_entity_poly.entity_id
_entity_poly.type
_entity_poly.pdbx_seq_one_letter_code
_entity_poly.pdbx_strand_id
1 'polypeptide(L)' TFGSGEADCGLRPLFEKKSLEDKTERELLESYIDG A
2 'polypeptide(L)'
;RIVEGSDAEIGMSPWQVMLFRKSPQELLCGASLISDRWVLTAAHCLLYPPWDKNFTENDLLVRIGKHSRTRYERNIEKIS
MLEKIYIHPRYNWRENLDRDIALMKLKKPVAFSDYIHPVCLPDRETAASLLQAGYKGRVTGWGNLKETWTANVGKGQPSV
LQVVNLPIVERPVCKDSTRIRITDNMFCAGYKPDEGKRGDACEGDAGGPFVMKSPFNNRWYQMGIVSWGEGCDRDGKYGF
YTHVFRLKKWIQKVIDQFGE
;
B
3 'polypeptide(L)' (ACE)DFLAEGGGVR C
#
loop_
_chem_comp.id
_chem_comp.type
_chem_comp.name
_chem_comp.formula
ACE non-polymer 'ACETYL GROUP' 'C2 H4 O'
#
# COMPACT_ATOMS: atom_id res chain seq x y z
N THR A 1 10.68 10.62 8.17
CA THR A 1 9.31 10.62 8.67
C THR A 1 8.34 10.56 7.47
N PHE A 2 8.04 11.74 7.01
CA PHE A 2 7.15 12.16 5.96
C PHE A 2 7.74 12.36 4.56
N GLY A 3 7.61 13.62 4.21
CA GLY A 3 7.94 14.42 3.09
C GLY A 3 9.30 14.16 2.46
N SER A 4 9.26 13.11 1.67
CA SER A 4 10.38 12.53 0.93
C SER A 4 11.13 11.71 2.00
N GLY A 5 10.29 11.30 2.94
CA GLY A 5 10.52 10.47 4.07
C GLY A 5 11.76 10.62 4.93
N GLU A 6 12.16 9.50 5.49
CA GLU A 6 13.16 9.05 6.38
C GLU A 6 14.56 9.61 6.47
N ALA A 7 15.33 9.30 5.45
CA ALA A 7 16.74 9.72 5.32
C ALA A 7 17.51 8.73 4.43
N ASP A 8 17.19 7.48 4.67
CA ASP A 8 17.80 6.35 3.97
C ASP A 8 16.65 5.48 3.46
N CYS A 9 15.48 6.06 3.58
CA CYS A 9 14.25 5.34 3.14
C CYS A 9 14.39 5.07 1.66
N GLY A 10 13.88 4.01 1.11
CA GLY A 10 14.00 3.80 -0.36
C GLY A 10 15.20 2.95 -0.67
N LEU A 11 16.23 2.89 0.15
CA LEU A 11 17.42 2.06 -0.19
C LEU A 11 17.36 0.78 0.59
N ARG A 12 17.07 -0.33 -0.07
CA ARG A 12 16.86 -1.62 0.61
C ARG A 12 18.20 -2.25 0.89
N PRO A 13 18.38 -2.75 2.11
CA PRO A 13 19.61 -3.42 2.49
C PRO A 13 19.99 -4.47 1.45
N LEU A 14 19.14 -5.38 1.07
CA LEU A 14 19.55 -6.45 0.16
C LEU A 14 19.61 -6.13 -1.32
N PHE A 15 19.34 -4.93 -1.76
CA PHE A 15 19.31 -4.57 -3.18
C PHE A 15 20.09 -3.32 -3.53
N GLU A 16 19.42 -2.17 -3.54
CA GLU A 16 20.13 -0.93 -3.89
C GLU A 16 21.39 -0.74 -3.05
N LYS A 17 21.41 -1.26 -1.83
CA LYS A 17 22.56 -1.03 -0.95
C LYS A 17 23.73 -1.90 -1.38
N LYS A 18 23.45 -3.08 -1.90
CA LYS A 18 24.56 -3.96 -2.29
C LYS A 18 24.58 -4.05 -3.80
N SER A 19 24.12 -2.96 -4.38
CA SER A 19 24.02 -2.71 -5.81
C SER A 19 23.73 -3.89 -6.72
N LEU A 20 22.66 -4.57 -6.47
CA LEU A 20 21.99 -5.69 -7.14
C LEU A 20 20.50 -5.29 -7.27
N GLU A 21 19.77 -5.89 -8.20
CA GLU A 21 18.36 -5.52 -8.42
C GLU A 21 17.41 -6.67 -8.39
N ASP A 22 16.10 -6.41 -8.34
CA ASP A 22 15.21 -7.59 -8.20
C ASP A 22 14.85 -8.08 -9.59
N LYS A 23 14.00 -9.08 -9.61
CA LYS A 23 13.64 -9.77 -10.83
C LYS A 23 12.85 -8.92 -11.80
N THR A 24 12.35 -7.81 -11.30
CA THR A 24 11.46 -7.03 -12.20
C THR A 24 11.39 -5.57 -11.98
N GLU A 25 12.42 -4.95 -11.41
CA GLU A 25 12.34 -3.49 -11.21
C GLU A 25 12.44 -2.82 -12.56
N ARG A 26 13.17 -3.48 -13.45
CA ARG A 26 13.45 -2.96 -14.79
C ARG A 26 12.18 -2.73 -15.60
N GLU A 27 11.19 -3.56 -15.35
CA GLU A 27 9.89 -3.40 -16.02
C GLU A 27 9.33 -2.02 -15.66
N LEU A 28 9.56 -1.53 -14.44
CA LEU A 28 9.13 -0.19 -14.05
C LEU A 28 9.90 0.85 -14.91
N LEU A 29 11.22 0.78 -14.78
CA LEU A 29 12.13 1.71 -15.50
C LEU A 29 11.69 1.74 -16.97
N GLU A 30 11.54 0.58 -17.59
CA GLU A 30 11.07 0.57 -18.96
C GLU A 30 9.68 1.16 -19.09
N SER A 31 8.82 1.04 -18.08
CA SER A 31 7.49 1.67 -18.24
C SER A 31 7.70 3.19 -18.32
N TYR A 32 8.74 3.69 -17.66
CA TYR A 32 8.94 5.15 -17.75
C TYR A 32 9.85 5.53 -18.91
N ILE A 33 10.34 4.62 -19.74
CA ILE A 33 11.24 4.97 -20.85
C ILE A 33 12.56 5.56 -20.45
N ILE B 2 -3.28 -10.41 -4.03
CA ILE B 2 -2.89 -10.07 -5.39
C ILE B 2 -3.32 -11.16 -6.36
N VAL B 3 -3.80 -10.75 -7.50
CA VAL B 3 -4.26 -11.56 -8.61
C VAL B 3 -3.32 -11.33 -9.80
N GLU B 4 -2.82 -12.43 -10.34
CA GLU B 4 -1.96 -12.36 -11.52
C GLU B 4 -0.60 -11.77 -11.27
N GLY B 5 -0.15 -11.87 -10.04
CA GLY B 5 1.20 -11.32 -9.68
C GLY B 5 2.11 -12.51 -9.37
N SER B 6 3.22 -12.30 -8.69
CA SER B 6 4.06 -13.49 -8.40
C SER B 6 4.66 -13.33 -7.02
N ASP B 7 5.34 -14.37 -6.58
CA ASP B 7 5.97 -14.47 -5.28
C ASP B 7 7.01 -13.35 -5.11
N ALA B 8 6.92 -12.66 -3.98
CA ALA B 8 7.92 -11.60 -3.72
C ALA B 8 9.26 -12.34 -3.62
N GLU B 9 10.28 -11.57 -3.42
CA GLU B 9 11.67 -11.98 -3.25
C GLU B 9 12.10 -11.51 -1.86
N ILE B 10 12.81 -12.31 -1.08
CA ILE B 10 13.16 -11.88 0.27
C ILE B 10 13.79 -10.48 0.25
N GLY B 11 13.42 -9.61 1.17
CA GLY B 11 13.94 -8.26 1.30
C GLY B 11 13.68 -7.32 0.15
N MET B 12 12.76 -7.67 -0.72
CA MET B 12 12.34 -6.94 -1.89
C MET B 12 11.36 -5.88 -1.45
N SER B 13 10.67 -6.08 -0.37
CA SER B 13 9.68 -5.06 0.09
C SER B 13 9.77 -4.85 1.60
N PRO B 14 10.93 -4.37 2.05
CA PRO B 14 11.20 -4.20 3.46
C PRO B 14 10.27 -3.33 4.24
N TRP B 15 9.38 -2.57 3.64
CA TRP B 15 8.45 -1.64 4.36
C TRP B 15 7.08 -2.29 4.39
N GLN B 16 7.01 -3.46 3.77
CA GLN B 16 5.72 -4.20 3.73
C GLN B 16 5.31 -4.56 5.14
N VAL B 17 4.29 -3.99 5.71
CA VAL B 17 3.91 -4.34 7.12
C VAL B 17 2.55 -5.04 7.07
N MET B 18 2.25 -6.00 7.88
CA MET B 18 1.01 -6.79 7.93
C MET B 18 0.15 -6.40 9.12
N LEU B 19 -1.12 -5.99 8.91
CA LEU B 19 -1.97 -5.54 10.09
C LEU B 19 -2.66 -6.79 10.62
N PHE B 20 -2.29 -7.18 11.81
CA PHE B 20 -2.77 -8.46 12.37
C PHE B 20 -3.74 -8.33 13.52
N ARG B 21 -4.69 -9.26 13.48
CA ARG B 21 -5.74 -9.38 14.48
C ARG B 21 -5.32 -10.32 15.63
N LYS B 22 -5.47 -9.71 16.79
CA LYS B 22 -5.12 -10.36 18.06
C LYS B 22 -5.91 -11.60 18.38
N SER B 23 -7.21 -11.57 18.29
CA SER B 23 -8.15 -12.67 18.55
C SER B 23 -9.52 -12.11 18.08
N PRO B 24 -10.08 -12.73 17.08
CA PRO B 24 -9.54 -13.91 16.41
C PRO B 24 -8.22 -13.55 15.72
N GLN B 25 -7.17 -14.30 15.99
CA GLN B 25 -5.87 -14.07 15.36
C GLN B 25 -6.09 -14.15 13.85
N GLU B 26 -6.21 -13.03 13.19
CA GLU B 26 -6.43 -13.01 11.72
C GLU B 26 -5.62 -11.89 11.11
N LEU B 27 -5.33 -12.00 9.83
CA LEU B 27 -4.59 -10.95 9.09
C LEU B 27 -5.73 -10.05 8.59
N LEU B 28 -5.58 -8.75 8.72
CA LEU B 28 -6.79 -8.00 8.25
C LEU B 28 -6.48 -7.11 7.10
N CYS B 29 -5.22 -6.74 6.96
CA CYS B 29 -4.76 -5.88 5.86
C CYS B 29 -3.21 -5.90 5.87
N GLY B 30 -2.69 -4.90 5.17
CA GLY B 30 -1.25 -4.64 4.97
C GLY B 30 -1.05 -3.17 5.21
N ALA B 31 0.17 -2.69 5.27
CA ALA B 31 0.43 -1.25 5.59
C ALA B 31 1.88 -1.06 5.24
N SER B 32 2.47 0.07 5.47
CA SER B 32 3.94 0.21 5.19
C SER B 32 4.59 0.95 6.35
N LEU B 33 5.90 0.85 6.50
CA LEU B 33 6.70 1.54 7.55
C LEU B 33 7.33 2.81 6.94
N ILE B 34 7.10 3.97 7.52
CA ILE B 34 7.66 5.23 6.99
C ILE B 34 8.70 5.83 7.91
N SER B 35 8.80 5.35 9.13
CA SER B 35 9.81 5.74 10.14
C SER B 35 10.04 4.51 11.01
N ASP B 36 10.57 4.68 12.21
CA ASP B 36 10.73 3.46 13.06
C ASP B 36 9.52 3.31 13.98
N ARG B 37 8.64 4.27 14.06
CA ARG B 37 7.44 4.30 14.84
C ARG B 37 6.19 4.75 14.11
N TRP B 38 6.09 4.87 12.83
CA TRP B 38 4.84 5.33 12.20
C TRP B 38 4.51 4.33 11.11
N VAL B 39 3.27 3.91 11.05
CA VAL B 39 2.90 2.94 9.94
C VAL B 39 1.68 3.52 9.25
N LEU B 40 1.64 3.47 7.95
CA LEU B 40 0.58 3.96 7.05
C LEU B 40 -0.26 2.77 6.58
N THR B 41 -1.56 2.99 6.52
CA THR B 41 -2.55 1.97 6.08
C THR B 41 -3.81 2.68 5.61
N ALA B 42 -4.81 1.93 5.20
CA ALA B 42 -6.13 2.49 4.79
C ALA B 42 -7.08 2.61 6.00
N ALA B 43 -7.81 3.73 6.06
CA ALA B 43 -8.70 3.98 7.20
C ALA B 43 -9.71 2.85 7.33
N HIS B 44 -10.13 2.41 6.14
CA HIS B 44 -11.16 1.35 6.10
C HIS B 44 -10.62 0.05 6.64
N CYS B 45 -9.33 -0.02 6.95
CA CYS B 45 -8.75 -1.26 7.50
C CYS B 45 -9.09 -1.31 9.00
N LEU B 46 -9.10 -0.15 9.59
CA LEU B 46 -9.36 0.10 11.00
C LEU B 46 -10.81 0.49 11.16
N LEU B 47 -11.38 1.41 10.40
CA LEU B 47 -12.82 1.70 10.60
C LEU B 47 -13.65 1.69 9.32
N TYR B 48 -14.55 0.74 9.20
CA TYR B 48 -15.46 0.58 8.05
C TYR B 48 -16.81 0.08 8.58
N PRO B 49 -17.72 1.00 8.86
CA PRO B 49 -19.00 0.60 9.41
C PRO B 49 -19.75 -0.55 8.79
N PRO B 50 -20.09 -0.45 7.50
CA PRO B 50 -20.86 -1.48 6.83
C PRO B 50 -20.39 -2.89 7.14
N TRP B 51 -19.33 -3.03 7.89
CA TRP B 51 -18.75 -4.34 8.24
C TRP B 51 -18.71 -4.46 9.76
N ASP B 52 -19.22 -3.40 10.36
CA ASP B 52 -19.20 -3.27 11.82
C ASP B 52 -17.73 -3.27 12.29
N LYS B 53 -16.91 -2.69 11.42
CA LYS B 53 -15.48 -2.61 11.75
C LYS B 53 -15.29 -1.31 12.51
N ASN B 54 -14.47 -1.41 13.52
CA ASN B 54 -14.14 -0.22 14.34
C ASN B 54 -13.15 -0.65 15.39
N PHE B 55 -11.91 -0.92 15.04
CA PHE B 55 -10.93 -1.40 16.02
C PHE B 55 -10.18 -0.19 16.62
N THR B 56 -9.65 -0.51 17.74
CA THR B 56 -8.84 0.27 18.68
C THR B 56 -7.40 -0.24 18.65
N GLU B 57 -6.50 0.67 18.99
CA GLU B 57 -5.06 0.33 19.02
C GLU B 57 -4.82 -0.91 19.87
N ASN B 58 -5.88 -1.52 20.34
CA ASN B 58 -5.79 -2.65 21.24
C ASN B 58 -6.02 -4.04 20.72
N ASP B 59 -6.98 -4.12 19.82
CA ASP B 59 -7.41 -5.38 19.23
C ASP B 59 -6.32 -5.84 18.25
N LEU B 60 -5.35 -4.95 18.04
CA LEU B 60 -4.38 -5.15 16.98
C LEU B 60 -2.90 -5.20 17.31
N LEU B 61 -2.21 -5.71 16.33
CA LEU B 61 -0.78 -5.90 16.26
C LEU B 61 -0.27 -5.67 14.84
N VAL B 62 0.89 -5.12 14.70
CA VAL B 62 1.46 -5.01 13.31
C VAL B 62 2.58 -6.03 13.30
N ARG B 63 2.78 -6.81 12.26
CA ARG B 63 3.89 -7.80 12.19
C ARG B 63 4.88 -7.21 11.18
N ILE B 64 6.15 -6.99 11.50
CA ILE B 64 7.06 -6.39 10.54
C ILE B 64 8.24 -7.28 10.18
N GLY B 65 8.62 -7.19 8.92
CA GLY B 65 9.71 -7.84 8.25
C GLY B 65 9.39 -9.17 7.66
N LYS B 66 8.21 -9.58 7.34
CA LYS B 66 7.79 -10.86 6.83
C LYS B 66 7.80 -11.16 5.35
N HIS B 67 7.76 -12.46 5.08
CA HIS B 67 7.71 -13.13 3.81
C HIS B 67 6.54 -14.12 3.84
N SER B 68 6.54 -14.98 4.85
CA SER B 68 5.46 -15.98 4.90
C SER B 68 4.19 -15.28 5.39
N ARG B 69 3.07 -15.74 4.93
CA ARG B 69 1.76 -15.22 5.22
C ARG B 69 1.37 -15.83 6.57
N THR B 70 2.13 -16.88 6.77
CA THR B 70 1.87 -17.81 7.89
C THR B 70 2.89 -18.21 8.88
N ARG B 71 4.02 -18.74 8.48
CA ARG B 71 5.06 -19.17 9.43
C ARG B 71 5.43 -18.08 10.43
N TYR B 72 5.86 -18.45 11.65
CA TYR B 72 6.38 -17.40 12.57
C TYR B 72 7.89 -17.41 12.17
N GLU B 73 8.33 -16.37 11.53
CA GLU B 73 9.70 -16.20 11.03
C GLU B 73 10.60 -15.64 12.10
N ARG B 74 11.07 -16.62 12.86
CA ARG B 74 11.89 -16.61 14.02
C ARG B 74 12.88 -15.51 14.19
N ASN B 75 14.05 -15.43 13.64
CA ASN B 75 14.79 -14.17 14.07
C ASN B 75 14.42 -13.06 13.12
N ILE B 76 13.64 -13.44 12.10
CA ILE B 76 13.30 -12.51 11.05
C ILE B 76 12.15 -11.60 11.30
N GLU B 77 11.01 -11.95 11.81
CA GLU B 77 9.92 -10.92 12.00
C GLU B 77 10.03 -10.15 13.30
N LYS B 78 9.28 -9.06 13.43
CA LYS B 78 9.24 -8.27 14.69
C LYS B 78 7.77 -7.93 14.97
N ILE B 79 7.19 -8.34 16.06
CA ILE B 79 5.79 -8.05 16.44
C ILE B 79 5.75 -6.70 17.18
N SER B 80 4.86 -5.82 16.78
CA SER B 80 4.74 -4.48 17.38
C SER B 80 3.34 -4.13 17.84
N MET B 81 3.30 -3.28 18.86
CA MET B 81 2.03 -2.86 19.49
C MET B 81 1.73 -1.44 19.08
N LEU B 82 0.50 -1.03 19.09
CA LEU B 82 0.03 0.30 18.74
C LEU B 82 -0.11 1.29 19.89
N GLU B 83 0.41 2.48 19.69
CA GLU B 83 0.34 3.57 20.67
C GLU B 83 -0.92 4.37 20.42
N LYS B 84 -1.08 4.93 19.25
CA LYS B 84 -2.26 5.69 18.82
C LYS B 84 -2.51 5.26 17.35
N ILE B 85 -3.72 5.43 16.96
CA ILE B 85 -4.17 5.11 15.57
C ILE B 85 -4.69 6.45 15.07
N TYR B 86 -4.44 6.92 13.87
CA TYR B 86 -5.00 8.24 13.47
C TYR B 86 -5.71 8.13 12.14
N ILE B 87 -7.02 8.25 12.15
CA ILE B 87 -7.85 8.19 10.94
C ILE B 87 -8.08 9.62 10.40
N HIS B 88 -8.14 9.73 9.10
CA HIS B 88 -8.29 11.05 8.47
C HIS B 88 -9.62 11.67 8.86
N PRO B 89 -9.55 12.88 9.39
CA PRO B 89 -10.77 13.60 9.79
C PRO B 89 -11.76 13.64 8.66
N ARG B 90 -11.32 13.55 7.40
CA ARG B 90 -12.34 13.60 6.31
C ARG B 90 -12.28 12.45 5.34
N TYR B 91 -12.31 11.27 5.88
CA TYR B 91 -12.30 9.94 5.22
C TYR B 91 -13.78 9.57 5.11
N ASN B 92 -14.23 9.38 3.90
CA ASN B 92 -15.62 9.11 3.60
C ASN B 92 -15.89 7.67 3.22
N TRP B 93 -16.50 6.87 4.07
CA TRP B 93 -16.79 5.49 3.76
C TRP B 93 -18.15 5.21 3.13
N ARG B 94 -19.16 6.01 3.35
CA ARG B 94 -20.51 5.84 2.80
C ARG B 94 -20.59 5.99 1.30
N GLU B 95 -19.82 6.92 0.78
CA GLU B 95 -19.84 7.32 -0.61
C GLU B 95 -18.81 7.01 -1.62
N ASN B 96 -17.54 7.36 -1.40
CA ASN B 96 -16.56 7.05 -2.53
C ASN B 96 -15.23 6.56 -1.99
N LEU B 97 -15.04 6.58 -0.69
CA LEU B 97 -13.84 6.12 -0.01
C LEU B 97 -12.68 7.08 -0.22
N ASP B 98 -13.08 8.33 -0.33
CA ASP B 98 -12.03 9.40 -0.47
C ASP B 98 -11.36 9.62 0.88
N ARG B 99 -10.04 9.70 0.81
CA ARG B 99 -9.19 9.93 1.99
C ARG B 99 -9.24 8.71 2.87
N ASP B 100 -8.99 7.62 2.20
CA ASP B 100 -8.90 6.29 2.81
C ASP B 100 -7.42 6.26 3.24
N ILE B 101 -7.21 6.74 4.48
CA ILE B 101 -5.82 6.81 4.99
C ILE B 101 -5.77 6.89 6.50
N ALA B 102 -4.78 6.31 7.15
CA ALA B 102 -4.62 6.31 8.60
C ALA B 102 -3.16 6.06 8.93
N LEU B 103 -2.69 6.66 10.00
CA LEU B 103 -1.32 6.47 10.50
C LEU B 103 -1.44 5.68 11.82
N MET B 104 -0.44 4.95 12.18
CA MET B 104 -0.50 4.20 13.46
C MET B 104 0.89 4.44 14.07
N LYS B 105 0.93 4.76 15.35
CA LYS B 105 2.21 4.97 16.03
C LYS B 105 2.46 3.70 16.88
N LEU B 106 3.65 3.22 16.64
CA LEU B 106 4.13 1.99 17.27
C LEU B 106 4.40 2.40 18.71
N LYS B 107 4.03 1.57 19.63
CA LYS B 107 4.31 1.82 21.06
C LYS B 107 5.85 1.96 21.11
N LYS B 108 6.52 1.24 20.21
CA LYS B 108 8.01 1.26 20.22
C LYS B 108 8.56 1.30 18.79
N PRO B 109 9.68 1.98 18.63
CA PRO B 109 10.33 2.13 17.33
C PRO B 109 10.87 0.74 16.94
N VAL B 110 10.79 0.47 15.66
CA VAL B 110 11.27 -0.85 15.17
C VAL B 110 12.75 -0.71 14.86
N ALA B 111 13.46 -1.82 14.88
CA ALA B 111 14.91 -1.79 14.61
C ALA B 111 15.08 -2.28 13.16
N PHE B 112 15.58 -1.41 12.34
CA PHE B 112 15.79 -1.72 10.90
C PHE B 112 16.63 -2.97 10.77
N SER B 113 16.59 -3.62 9.65
CA SER B 113 17.37 -4.86 9.44
C SER B 113 17.46 -5.11 7.94
N ASP B 114 17.83 -6.32 7.54
CA ASP B 114 17.85 -6.58 6.10
C ASP B 114 16.40 -6.81 5.65
N TYR B 115 15.46 -6.93 6.53
CA TYR B 115 14.08 -7.25 6.15
C TYR B 115 13.09 -6.19 6.57
N ILE B 116 13.57 -5.26 7.36
CA ILE B 116 12.89 -4.13 7.93
C ILE B 116 13.57 -2.77 7.70
N HIS B 117 12.92 -1.98 6.89
CA HIS B 117 13.48 -0.62 6.61
C HIS B 117 12.33 0.12 5.96
N PRO B 118 12.38 1.44 5.99
CA PRO B 118 11.27 2.28 5.56
C PRO B 118 11.23 2.82 4.12
N VAL B 119 10.08 3.01 3.53
CA VAL B 119 9.86 3.54 2.19
C VAL B 119 9.85 5.05 2.21
N CYS B 120 9.99 5.82 1.13
CA CYS B 120 10.02 7.31 1.27
C CYS B 120 8.68 7.88 0.81
N LEU B 121 8.28 9.02 1.37
CA LEU B 121 6.97 9.59 0.87
C LEU B 121 7.47 10.67 -0.09
N PRO B 122 6.80 10.81 -1.22
CA PRO B 122 7.22 11.72 -2.27
C PRO B 122 7.09 13.20 -1.92
N ASP B 123 7.90 13.98 -2.59
CA ASP B 123 7.89 15.46 -2.53
C ASP B 123 7.23 15.95 -3.83
N ARG B 124 6.68 17.13 -3.85
CA ARG B 124 5.94 17.73 -4.96
C ARG B 124 6.32 17.21 -6.35
N GLU B 125 7.56 17.48 -6.60
CA GLU B 125 8.30 17.17 -7.79
C GLU B 125 8.32 15.74 -8.20
N THR B 126 8.50 14.78 -7.29
CA THR B 126 8.57 13.38 -7.72
C THR B 126 7.19 12.91 -8.17
N ALA B 127 6.24 13.54 -7.53
CA ALA B 127 4.82 13.24 -7.81
C ALA B 127 4.59 13.52 -9.28
N ALA B 128 4.94 14.70 -9.77
CA ALA B 128 4.71 15.04 -11.20
C ALA B 128 5.51 14.12 -12.11
N SER B 129 6.76 13.93 -11.78
CA SER B 129 7.67 13.10 -12.52
C SER B 129 7.06 11.75 -12.89
N LEU B 130 6.84 11.01 -11.81
CA LEU B 130 6.41 9.63 -11.86
C LEU B 130 4.94 9.37 -12.02
N LEU B 131 4.01 10.09 -11.42
CA LEU B 131 2.57 9.89 -11.55
C LEU B 131 2.10 10.36 -12.94
N GLN B 132 2.22 9.43 -13.90
CA GLN B 132 1.84 9.69 -15.29
C GLN B 132 1.19 8.46 -15.92
N ALA B 133 0.08 8.73 -16.61
CA ALA B 133 -0.55 7.54 -17.22
C ALA B 133 0.58 6.74 -17.88
N GLY B 134 0.55 5.46 -17.69
CA GLY B 134 1.48 4.56 -18.35
C GLY B 134 2.63 4.08 -17.51
N TYR B 135 3.07 4.97 -16.62
CA TYR B 135 4.19 4.58 -15.73
C TYR B 135 3.72 3.50 -14.79
N LYS B 136 4.61 2.57 -14.52
CA LYS B 136 4.25 1.42 -13.66
C LYS B 136 4.51 1.64 -12.21
N GLY B 137 3.78 0.88 -11.42
CA GLY B 137 3.84 0.89 -9.97
C GLY B 137 4.01 -0.52 -9.43
N ARG B 138 4.34 -0.56 -8.14
CA ARG B 138 4.50 -1.85 -7.44
C ARG B 138 3.48 -1.84 -6.28
N VAL B 139 2.69 -2.88 -6.31
CA VAL B 139 1.61 -3.20 -5.35
C VAL B 139 1.98 -4.64 -4.89
N THR B 140 2.15 -4.75 -3.59
CA THR B 140 2.50 -6.05 -2.95
C THR B 140 1.40 -6.32 -1.92
N GLY B 141 1.05 -7.57 -1.75
CA GLY B 141 0.00 -7.98 -0.79
C GLY B 141 0.00 -9.49 -0.56
N TRP B 142 -0.69 -9.85 0.53
CA TRP B 142 -0.88 -11.25 0.94
C TRP B 142 -2.38 -11.59 0.73
N GLY B 143 -3.03 -10.77 -0.05
CA GLY B 143 -4.43 -10.79 -0.38
C GLY B 143 -4.84 -11.95 -1.28
N ASN B 144 -6.13 -11.96 -1.64
CA ASN B 144 -6.63 -13.08 -2.47
C ASN B 144 -5.85 -13.16 -3.78
N LEU B 145 -5.80 -14.38 -4.26
CA LEU B 145 -5.16 -14.80 -5.49
C LEU B 145 -6.17 -14.72 -6.63
N LYS B 146 -7.44 -14.55 -6.28
CA LYS B 146 -8.53 -14.37 -7.27
C LYS B 146 -9.77 -13.74 -6.61
N GLU B 147 -10.50 -12.93 -7.40
CA GLU B 147 -11.69 -12.22 -6.91
C GLU B 147 -12.50 -13.13 -6.00
N THR B 148 -12.69 -14.34 -6.50
CA THR B 148 -13.39 -15.39 -5.77
C THR B 148 -13.42 -16.69 -6.58
N GLY B 156 -6.12 -19.74 -2.69
CA GLY B 156 -6.93 -18.55 -2.32
C GLY B 156 -5.96 -17.40 -2.00
N GLN B 157 -5.33 -17.57 -0.85
CA GLN B 157 -4.35 -16.61 -0.28
C GLN B 157 -3.03 -17.28 -0.62
N PRO B 158 -1.99 -16.53 -0.80
CA PRO B 158 -0.72 -17.14 -1.20
C PRO B 158 -0.02 -17.65 0.06
N SER B 159 1.11 -18.29 -0.12
CA SER B 159 1.95 -18.84 0.93
C SER B 159 3.02 -17.78 1.26
N VAL B 160 3.21 -16.96 0.26
CA VAL B 160 4.22 -15.90 0.29
C VAL B 160 3.71 -14.58 -0.22
N LEU B 161 4.35 -13.56 0.31
CA LEU B 161 4.00 -12.17 -0.08
C LEU B 161 4.00 -12.08 -1.60
N GLN B 162 3.00 -11.52 -2.23
CA GLN B 162 2.91 -11.42 -3.72
C GLN B 162 3.29 -10.05 -4.26
N VAL B 163 3.75 -9.93 -5.49
CA VAL B 163 4.09 -8.64 -6.07
C VAL B 163 3.47 -8.59 -7.48
N VAL B 164 3.02 -7.43 -7.89
CA VAL B 164 2.48 -7.20 -9.24
C VAL B 164 2.78 -5.72 -9.58
N ASN B 165 3.39 -5.52 -10.74
CA ASN B 165 3.76 -4.22 -11.31
C ASN B 165 2.60 -3.80 -12.25
N LEU B 166 2.01 -2.63 -12.13
CA LEU B 166 0.89 -2.23 -12.98
C LEU B 166 1.06 -0.75 -13.34
N PRO B 167 0.48 -0.28 -14.43
CA PRO B 167 0.62 1.10 -14.86
C PRO B 167 -0.50 2.03 -14.39
N ILE B 168 -0.19 3.25 -14.00
CA ILE B 168 -1.23 4.23 -13.66
C ILE B 168 -2.16 4.44 -14.87
N VAL B 169 -3.43 4.73 -14.57
CA VAL B 169 -4.41 4.95 -15.65
C VAL B 169 -4.85 6.43 -15.66
N GLU B 170 -5.24 6.83 -16.87
CA GLU B 170 -5.70 8.17 -17.19
C GLU B 170 -7.03 8.52 -16.54
N ARG B 171 -7.12 9.63 -15.83
CA ARG B 171 -8.29 10.15 -15.14
C ARG B 171 -9.64 9.80 -15.74
N PRO B 172 -9.85 10.28 -16.96
CA PRO B 172 -11.05 9.95 -17.73
C PRO B 172 -11.20 8.44 -17.76
N VAL B 173 -10.19 7.64 -18.08
CA VAL B 173 -10.50 6.19 -18.11
C VAL B 173 -11.00 5.73 -16.75
N CYS B 174 -10.34 6.18 -15.71
CA CYS B 174 -10.71 5.77 -14.35
C CYS B 174 -12.19 6.04 -14.16
N LYS B 175 -12.54 7.25 -14.49
CA LYS B 175 -13.93 7.73 -14.34
C LYS B 175 -14.98 7.01 -15.14
N ASP B 176 -14.54 6.45 -16.26
CA ASP B 176 -15.36 5.74 -17.22
C ASP B 176 -15.59 4.27 -16.86
N SER B 177 -14.82 3.77 -15.92
CA SER B 177 -14.94 2.36 -15.56
C SER B 177 -15.95 2.19 -14.43
N THR B 178 -16.08 3.26 -13.65
CA THR B 178 -16.94 3.18 -12.46
C THR B 178 -17.94 4.28 -12.28
N ARG B 179 -19.00 3.91 -11.58
CA ARG B 179 -20.16 4.72 -11.25
C ARG B 179 -19.93 5.50 -9.96
N ILE B 180 -18.91 5.07 -9.24
CA ILE B 180 -18.52 5.77 -7.99
C ILE B 180 -18.00 7.16 -8.38
N ARG B 181 -18.06 8.10 -7.47
CA ARG B 181 -17.59 9.47 -7.62
C ARG B 181 -16.11 9.65 -7.32
N ILE B 182 -15.30 9.11 -8.17
CA ILE B 182 -13.82 9.22 -8.15
C ILE B 182 -13.42 10.63 -7.74
N THR B 183 -12.55 10.85 -6.74
CA THR B 183 -12.09 12.20 -6.37
C THR B 183 -10.58 12.34 -6.69
N ASP B 184 -10.08 13.53 -6.51
CA ASP B 184 -8.73 14.00 -6.67
C ASP B 184 -7.70 13.31 -5.76
N ASN B 185 -8.19 12.61 -4.75
CA ASN B 185 -7.45 11.89 -3.76
C ASN B 185 -7.32 10.41 -4.04
N MET B 186 -7.50 9.91 -5.21
CA MET B 186 -7.36 8.50 -5.55
C MET B 186 -6.73 8.46 -6.96
N PHE B 187 -6.36 7.31 -7.42
CA PHE B 187 -5.76 7.19 -8.77
C PHE B 187 -6.12 5.74 -9.15
N CYS B 188 -6.01 5.36 -10.40
CA CYS B 188 -6.36 3.97 -10.73
C CYS B 188 -5.24 3.35 -11.53
N ALA B 189 -5.12 2.04 -11.36
CA ALA B 189 -4.05 1.34 -12.11
C ALA B 189 -4.49 -0.08 -12.38
N GLY B 190 -3.84 -0.67 -13.36
CA GLY B 190 -4.01 -1.98 -13.91
C GLY B 190 -4.01 -1.91 -15.43
N TYR B 191 -3.94 -3.04 -16.10
CA TYR B 191 -3.89 -3.00 -17.57
C TYR B 191 -5.21 -2.60 -18.18
N LYS B 192 -5.15 -2.22 -19.47
CA LYS B 192 -6.41 -1.93 -20.17
C LYS B 192 -6.78 -3.26 -20.85
N PRO B 193 -8.04 -3.31 -21.25
CA PRO B 193 -8.57 -4.52 -21.90
C PRO B 193 -7.74 -4.89 -23.12
N ASP B 194 -7.47 -3.92 -23.97
CA ASP B 194 -6.69 -4.15 -25.20
C ASP B 194 -5.24 -4.54 -24.96
N GLU B 195 -4.73 -4.49 -23.74
CA GLU B 195 -3.33 -4.75 -23.46
C GLU B 195 -2.88 -6.13 -23.08
N GLY B 196 -3.74 -7.10 -22.88
CA GLY B 196 -3.36 -8.47 -22.61
C GLY B 196 -2.16 -8.82 -21.78
N LYS B 197 -2.19 -8.34 -20.55
CA LYS B 197 -1.33 -8.48 -19.39
C LYS B 197 -2.29 -8.13 -18.23
N ARG B 198 -2.29 -8.96 -17.20
CA ARG B 198 -3.22 -8.70 -16.07
C ARG B 198 -2.52 -8.60 -14.73
N GLY B 199 -3.37 -8.57 -13.71
CA GLY B 199 -2.86 -8.48 -12.32
C GLY B 199 -3.65 -7.33 -11.66
N ASP B 200 -3.81 -7.46 -10.36
CA ASP B 200 -4.60 -6.44 -9.61
C ASP B 200 -4.40 -6.81 -8.15
N ALA B 201 -4.79 -5.96 -7.25
CA ALA B 201 -4.74 -6.10 -5.79
C ALA B 201 -6.09 -6.75 -5.48
N CYS B 202 -6.22 -7.52 -4.44
CA CYS B 202 -7.61 -8.10 -4.29
C CYS B 202 -7.96 -8.03 -2.84
N GLU B 203 -8.78 -8.93 -2.32
CA GLU B 203 -9.09 -8.71 -0.88
C GLU B 203 -7.91 -9.19 -0.04
N GLY B 204 -7.73 -8.47 1.04
CA GLY B 204 -6.62 -8.70 2.00
C GLY B 204 -5.44 -7.80 1.64
N ASP B 205 -5.62 -6.93 0.66
CA ASP B 205 -4.57 -6.07 0.16
C ASP B 205 -4.56 -4.65 0.62
N ALA B 206 -5.68 -4.01 0.87
CA ALA B 206 -5.69 -2.60 1.28
C ALA B 206 -4.78 -2.35 2.46
N GLY B 207 -4.14 -1.19 2.34
CA GLY B 207 -3.21 -0.71 3.40
C GLY B 207 -1.81 -0.85 2.78
N GLY B 208 -1.72 -1.93 2.05
CA GLY B 208 -0.47 -2.28 1.35
C GLY B 208 -0.15 -1.14 0.41
N PRO B 209 1.10 -1.07 -0.01
CA PRO B 209 1.59 0.02 -0.79
C PRO B 209 1.68 -0.16 -2.30
N PHE B 210 1.58 0.97 -2.94
CA PHE B 210 1.79 1.13 -4.40
C PHE B 210 3.11 1.96 -4.47
N VAL B 211 4.19 1.29 -4.83
CA VAL B 211 5.48 2.02 -4.85
C VAL B 211 6.02 2.11 -6.28
N MET B 212 6.85 3.11 -6.44
CA MET B 212 7.57 3.41 -7.66
C MET B 212 9.00 3.83 -7.20
N LYS B 213 9.92 3.54 -8.08
CA LYS B 213 11.36 3.74 -7.95
C LYS B 213 11.89 4.81 -8.90
N SER B 214 12.21 5.94 -8.33
CA SER B 214 12.71 7.08 -9.05
C SER B 214 14.00 6.85 -9.84
N PRO B 215 14.03 7.38 -11.05
CA PRO B 215 15.26 7.18 -11.86
C PRO B 215 16.22 8.29 -11.43
N PHE B 216 15.77 9.17 -10.54
CA PHE B 216 16.67 10.24 -10.12
C PHE B 216 17.58 9.88 -8.96
N ASN B 217 17.12 9.16 -7.95
CA ASN B 217 17.92 8.85 -6.76
C ASN B 217 17.85 7.36 -6.49
N ASN B 218 17.00 6.75 -7.26
CA ASN B 218 17.03 5.27 -7.02
C ASN B 218 16.39 4.87 -5.73
N ARG B 219 15.55 5.67 -5.13
CA ARG B 219 14.84 5.41 -3.87
C ARG B 219 13.42 4.93 -4.09
N TRP B 220 12.78 4.15 -3.20
CA TRP B 220 11.37 3.79 -3.51
C TRP B 220 10.48 4.84 -2.79
N TYR B 221 9.51 5.28 -3.56
CA TYR B 221 8.55 6.27 -3.03
C TYR B 221 7.22 5.53 -2.99
N GLN B 222 6.43 5.82 -1.98
CA GLN B 222 5.08 5.24 -1.81
C GLN B 222 4.06 6.17 -2.49
N MET B 223 3.60 5.80 -3.67
CA MET B 223 2.70 6.67 -4.43
C MET B 223 1.21 6.48 -4.19
N GLY B 224 0.80 5.44 -3.51
CA GLY B 224 -0.62 5.17 -3.23
C GLY B 224 -0.80 4.13 -2.14
N ILE B 225 -2.00 3.95 -1.69
CA ILE B 225 -2.34 2.92 -0.67
C ILE B 225 -3.39 1.97 -1.23
N VAL B 226 -3.16 0.66 -1.22
CA VAL B 226 -4.20 -0.25 -1.74
C VAL B 226 -5.55 0.01 -1.03
N SER B 227 -6.47 0.55 -1.82
CA SER B 227 -7.76 0.96 -1.34
C SER B 227 -8.97 0.19 -1.76
N TRP B 228 -9.41 0.31 -3.00
CA TRP B 228 -10.67 -0.41 -3.33
C TRP B 228 -10.86 -0.69 -4.81
N GLY B 229 -11.99 -1.31 -5.10
CA GLY B 229 -12.37 -1.64 -6.48
C GLY B 229 -13.65 -2.48 -6.56
N GLU B 230 -14.03 -2.71 -7.80
CA GLU B 230 -15.17 -3.54 -8.15
C GLU B 230 -14.57 -4.85 -8.67
N GLY B 231 -14.69 -5.90 -7.87
CA GLY B 231 -14.14 -7.20 -8.35
C GLY B 231 -12.62 -7.21 -8.18
N CYS B 232 -11.97 -7.99 -9.05
CA CYS B 232 -10.52 -8.13 -9.02
C CYS B 232 -10.01 -8.67 -10.35
N ASP B 233 -9.10 -7.96 -10.97
CA ASP B 233 -8.53 -8.39 -12.27
C ASP B 233 -9.65 -8.54 -13.30
N ARG B 234 -10.51 -7.54 -13.33
CA ARG B 234 -11.65 -7.49 -14.24
C ARG B 234 -11.37 -6.55 -15.44
N ASP B 235 -11.54 -7.12 -16.62
CA ASP B 235 -11.40 -6.41 -17.92
C ASP B 235 -12.22 -5.14 -17.80
N GLY B 236 -11.75 -4.03 -18.27
CA GLY B 236 -12.58 -2.83 -18.15
C GLY B 236 -12.60 -2.26 -16.76
N LYS B 237 -12.04 -2.95 -15.80
CA LYS B 237 -12.01 -2.38 -14.42
C LYS B 237 -10.65 -2.00 -13.88
N TYR B 238 -10.65 -1.00 -12.97
CA TYR B 238 -9.40 -0.54 -12.34
C TYR B 238 -9.23 -0.51 -10.84
N GLY B 239 -8.09 -1.07 -10.36
CA GLY B 239 -7.84 -1.03 -8.89
C GLY B 239 -7.71 0.43 -8.49
N PHE B 240 -8.30 0.84 -7.40
CA PHE B 240 -8.18 2.25 -6.95
C PHE B 240 -7.24 2.31 -5.73
N TYR B 241 -6.45 3.37 -5.69
CA TYR B 241 -5.45 3.67 -4.66
C TYR B 241 -5.52 5.13 -4.18
N THR B 242 -5.19 5.31 -2.92
CA THR B 242 -5.20 6.61 -2.22
C THR B 242 -3.98 7.36 -2.67
N HIS B 243 -4.12 8.61 -2.97
CA HIS B 243 -3.08 9.49 -3.47
C HIS B 243 -2.28 9.98 -2.27
N VAL B 244 -1.13 9.34 -2.09
CA VAL B 244 -0.31 9.59 -0.92
C VAL B 244 0.19 11.01 -0.91
N PHE B 245 0.61 11.41 -2.10
CA PHE B 245 1.18 12.75 -2.23
C PHE B 245 0.18 13.79 -1.71
N ARG B 246 -0.93 13.75 -2.41
CA ARG B 246 -2.10 14.61 -2.20
C ARG B 246 -2.42 14.73 -0.72
N LEU B 247 -2.40 13.60 0.00
CA LEU B 247 -2.74 13.73 1.43
C LEU B 247 -1.54 13.90 2.31
N LYS B 248 -0.41 14.35 1.83
CA LYS B 248 0.79 14.52 2.71
C LYS B 248 0.71 15.58 3.78
N LYS B 249 0.12 16.72 3.52
CA LYS B 249 -0.02 17.79 4.52
C LYS B 249 -0.55 17.18 5.81
N TRP B 250 -1.57 16.37 5.73
CA TRP B 250 -2.11 15.72 6.95
C TRP B 250 -1.10 14.73 7.49
N ILE B 251 -0.60 13.79 6.67
CA ILE B 251 0.38 12.83 7.26
C ILE B 251 1.39 13.63 8.11
N GLN B 252 1.79 14.76 7.52
CA GLN B 252 2.82 15.61 8.14
C GLN B 252 2.29 16.29 9.38
N LYS B 253 1.05 16.72 9.36
CA LYS B 253 0.40 17.41 10.48
C LYS B 253 0.41 16.47 11.67
N VAL B 254 -0.30 15.37 11.54
CA VAL B 254 -0.39 14.40 12.65
C VAL B 254 0.94 13.88 13.16
N ILE B 255 1.94 13.71 12.31
CA ILE B 255 3.23 13.18 12.70
C ILE B 255 3.96 14.09 13.68
N ASP B 256 4.14 15.34 13.29
CA ASP B 256 4.89 16.32 14.11
C ASP B 256 3.91 17.02 15.05
N GLN B 257 2.98 16.20 15.49
CA GLN B 257 1.89 16.61 16.40
C GLN B 257 1.95 15.58 17.55
N PHE B 258 1.96 14.35 17.07
CA PHE B 258 1.89 13.15 17.92
C PHE B 258 3.08 12.21 17.95
N GLY B 259 4.21 12.58 17.36
CA GLY B 259 5.40 11.72 17.42
C GLY B 259 6.65 12.25 16.75
N GLU B 260 7.66 11.37 16.83
CA GLU B 260 8.96 11.71 16.16
C GLU B 260 9.77 12.72 16.97
C ACE C 1 -24.55 6.62 -2.74
O ACE C 1 -25.01 6.58 -3.88
CH3 ACE C 1 -25.00 7.53 -1.63
N ASP C 2 -23.34 6.03 -2.64
CA ASP C 2 -23.23 4.64 -2.40
C ASP C 2 -22.27 3.81 -3.18
N PHE C 3 -21.18 3.68 -2.44
CA PHE C 3 -20.02 2.86 -2.86
C PHE C 3 -20.58 1.44 -2.99
N LEU C 4 -21.16 0.95 -1.90
CA LEU C 4 -21.82 -0.36 -1.87
C LEU C 4 -22.85 -0.53 -2.99
N ALA C 5 -23.86 0.34 -2.97
CA ALA C 5 -24.95 0.33 -3.96
C ALA C 5 -24.46 0.30 -5.40
N GLU C 6 -23.40 1.04 -5.69
CA GLU C 6 -22.85 1.12 -7.07
C GLU C 6 -21.83 0.04 -7.38
N GLY C 7 -21.74 -0.82 -6.36
CA GLY C 7 -20.95 -2.00 -6.27
C GLY C 7 -19.61 -1.99 -5.61
N GLY C 8 -19.32 -0.97 -4.87
CA GLY C 8 -18.04 -0.75 -4.19
C GLY C 8 -17.41 -1.88 -3.43
N GLY C 9 -16.19 -2.24 -3.80
CA GLY C 9 -15.53 -3.37 -3.14
C GLY C 9 -14.35 -3.02 -2.30
N VAL C 10 -14.62 -2.47 -1.13
CA VAL C 10 -13.44 -2.17 -0.26
C VAL C 10 -12.52 -3.39 -0.29
N ARG C 11 -11.23 -3.17 -0.14
CA ARG C 11 -10.29 -4.28 -0.09
C ARG C 11 -9.59 -4.31 1.28
#